data_6GD3
#
_entry.id   6GD3
#
_cell.length_a   33.740
_cell.length_b   79.930
_cell.length_c   54.870
_cell.angle_alpha   90.00
_cell.angle_beta   90.63
_cell.angle_gamma   90.00
#
_symmetry.space_group_name_H-M   'P 1 21 1'
#
loop_
_entity.id
_entity.type
_entity.pdbx_description
1 polymer 'ELAV-like protein 1'
2 polymer "RNA (5'-R(P*UP*AP*UP*UP*UP*A)-3')"
3 non-polymer 'SODIUM ION'
4 water water
#
loop_
_entity_poly.entity_id
_entity_poly.type
_entity_poly.pdbx_seq_one_letter_code
_entity_poly.pdbx_strand_id
1 'polypeptide(L)'
;GAMGWCIFIYNLGQDADEGILWQMFGPFGAVTNVKVIRDFNTNKCKGFGFVTMTNYEEAAMAIASLNGYRLGDKILQVSF
KTNKSHK
;
A,B,C
2 'polyribonucleotide' UAUUUA P
#
loop_
_chem_comp.id
_chem_comp.type
_chem_comp.name
_chem_comp.formula
A RNA linking ADENOSINE-5'-MONOPHOSPHATE 'C10 H14 N5 O7 P'
NA non-polymer 'SODIUM ION' 'Na 1'
U RNA linking URIDINE-5'-MONOPHOSPHATE 'C9 H13 N2 O9 P'
#
# COMPACT_ATOMS: atom_id res chain seq x y z
N GLY A 4 17.86 10.22 16.81
CA GLY A 4 18.80 9.09 16.44
C GLY A 4 18.01 7.94 15.90
N TRP A 5 18.74 6.89 15.58
CA TRP A 5 18.22 5.72 14.94
C TRP A 5 18.39 4.52 15.90
N CYS A 6 17.33 3.80 16.10
CA CYS A 6 17.29 2.70 17.02
CA CYS A 6 17.32 2.69 17.04
C CYS A 6 17.62 1.40 16.35
N ILE A 7 18.62 0.71 16.86
CA ILE A 7 19.07 -0.63 16.39
C ILE A 7 18.69 -1.68 17.38
N PHE A 8 18.17 -2.81 16.96
CA PHE A 8 17.75 -3.90 17.80
CA PHE A 8 17.78 -3.91 17.79
C PHE A 8 18.68 -5.06 17.60
N ILE A 9 19.20 -5.59 18.69
CA ILE A 9 20.08 -6.79 18.68
C ILE A 9 19.40 -7.93 19.38
N TYR A 10 19.41 -9.10 18.83
CA TYR A 10 18.84 -10.32 19.34
CA TYR A 10 18.81 -10.32 19.39
C TYR A 10 19.84 -11.42 19.36
N ASN A 11 19.65 -12.36 20.30
CA ASN A 11 20.44 -13.57 20.47
C ASN A 11 21.77 -13.32 21.05
N LEU A 12 21.96 -12.21 21.81
CA LEU A 12 23.14 -12.03 22.60
C LEU A 12 23.18 -13.22 23.65
N GLY A 13 24.35 -13.61 23.96
CA GLY A 13 24.52 -14.60 25.06
C GLY A 13 24.33 -13.97 26.43
N GLN A 14 24.36 -14.90 27.40
CA GLN A 14 24.08 -14.49 28.73
C GLN A 14 25.06 -13.53 29.34
N ASP A 15 26.31 -13.49 28.81
CA ASP A 15 27.36 -12.60 29.34
C ASP A 15 27.47 -11.29 28.69
N ALA A 16 26.64 -11.02 27.68
CA ALA A 16 26.74 -9.75 27.00
C ALA A 16 26.29 -8.61 27.86
N ASP A 17 26.90 -7.46 27.72
CA ASP A 17 26.60 -6.31 28.53
C ASP A 17 26.68 -5.03 27.67
N GLU A 18 26.52 -3.91 28.34
CA GLU A 18 26.56 -2.65 27.64
C GLU A 18 27.88 -2.42 26.94
N GLY A 19 29.00 -2.78 27.61
CA GLY A 19 30.29 -2.60 26.97
C GLY A 19 30.47 -3.35 25.69
N ILE A 20 29.92 -4.54 25.57
CA ILE A 20 29.93 -5.27 24.31
C ILE A 20 29.27 -4.45 23.19
N LEU A 21 28.11 -3.90 23.50
CA LEU A 21 27.39 -3.05 22.52
C LEU A 21 28.22 -1.84 22.11
N TRP A 22 28.80 -1.14 23.09
CA TRP A 22 29.66 -0.01 22.74
C TRP A 22 30.80 -0.44 21.85
N GLN A 23 31.43 -1.59 22.18
CA GLN A 23 32.60 -2.02 21.40
C GLN A 23 32.23 -2.56 20.05
N MET A 24 31.06 -3.14 19.85
CA MET A 24 30.67 -3.52 18.52
CA MET A 24 30.57 -3.57 18.54
C MET A 24 30.21 -2.39 17.65
N PHE A 25 29.44 -1.46 18.16
CA PHE A 25 28.79 -0.40 17.37
C PHE A 25 29.62 0.87 17.30
N GLY A 26 30.37 1.24 18.32
CA GLY A 26 31.15 2.50 18.27
C GLY A 26 32.06 2.59 17.09
N PRO A 27 32.66 1.53 16.59
CA PRO A 27 33.53 1.65 15.43
C PRO A 27 32.82 2.10 14.16
N PHE A 28 31.50 2.02 14.14
CA PHE A 28 30.75 2.41 12.92
C PHE A 28 30.38 3.87 12.96
N GLY A 29 30.39 4.52 14.08
CA GLY A 29 30.02 5.91 14.19
C GLY A 29 29.52 6.32 15.50
N ALA A 30 28.90 7.47 15.61
CA ALA A 30 28.41 7.95 16.86
C ALA A 30 27.30 7.13 17.41
N VAL A 31 27.48 6.72 18.65
CA VAL A 31 26.51 5.97 19.46
C VAL A 31 26.13 6.84 20.66
N THR A 32 24.89 7.07 20.91
CA THR A 32 24.56 7.90 22.05
C THR A 32 24.01 7.14 23.17
N ASN A 33 23.53 5.92 23.00
CA ASN A 33 22.90 5.14 24.05
CA ASN A 33 23.16 5.11 24.15
C ASN A 33 23.05 3.66 23.73
N VAL A 34 23.19 2.82 24.74
CA VAL A 34 23.10 1.39 24.64
C VAL A 34 22.35 0.84 25.78
N LYS A 35 21.72 -0.27 25.64
CA LYS A 35 20.97 -0.95 26.67
C LYS A 35 20.93 -2.44 26.46
N VAL A 36 20.99 -3.26 27.51
CA VAL A 36 20.73 -4.63 27.45
C VAL A 36 19.61 -4.96 28.43
N ILE A 37 18.83 -5.92 28.11
CA ILE A 37 17.83 -6.43 29.06
C ILE A 37 18.36 -7.61 29.75
N ARG A 38 18.29 -7.64 31.10
CA ARG A 38 18.70 -8.74 31.94
C ARG A 38 17.55 -9.41 32.60
N ASP A 39 17.73 -10.66 32.89
CA ASP A 39 16.67 -11.49 33.56
C ASP A 39 16.49 -10.95 34.92
N PHE A 40 15.21 -10.75 35.30
CA PHE A 40 14.86 -10.24 36.63
C PHE A 40 15.36 -11.12 37.72
N ASN A 41 15.50 -12.41 37.50
CA ASN A 41 15.87 -13.35 38.54
C ASN A 41 17.30 -13.80 38.53
N THR A 42 17.89 -14.03 37.34
CA THR A 42 19.28 -14.45 37.27
C THR A 42 20.29 -13.32 37.05
N ASN A 43 19.80 -12.16 36.62
CA ASN A 43 20.60 -11.01 36.13
C ASN A 43 21.54 -11.33 34.89
N LYS A 44 21.28 -12.43 34.23
CA LYS A 44 22.09 -12.77 33.00
C LYS A 44 21.41 -11.94 31.92
N CYS A 45 22.10 -11.61 30.82
CA CYS A 45 21.45 -11.05 29.69
C CYS A 45 20.41 -12.02 29.12
N LYS A 46 19.24 -11.40 28.82
CA LYS A 46 18.10 -12.14 28.22
C LYS A 46 18.25 -12.39 26.73
N GLY A 47 19.24 -11.71 26.10
CA GLY A 47 19.50 -11.83 24.67
C GLY A 47 19.17 -10.66 23.87
N PHE A 48 18.61 -9.60 24.44
CA PHE A 48 18.16 -8.43 23.75
C PHE A 48 18.93 -7.24 24.07
N GLY A 49 19.36 -6.48 23.05
CA GLY A 49 20.06 -5.27 23.20
C GLY A 49 19.57 -4.18 22.32
N PHE A 50 19.90 -2.92 22.56
CA PHE A 50 19.45 -1.77 21.82
C PHE A 50 20.53 -0.78 21.74
N VAL A 51 20.74 -0.18 20.60
CA VAL A 51 21.76 0.83 20.41
C VAL A 51 21.14 2.03 19.69
N THR A 52 21.42 3.24 20.08
CA THR A 52 21.03 4.43 19.27
C THR A 52 22.20 5.02 18.62
N MET A 53 22.16 5.20 17.32
CA MET A 53 23.21 5.83 16.57
C MET A 53 22.69 7.12 15.93
N THR A 54 23.55 8.12 15.87
CA THR A 54 23.07 9.43 15.36
C THR A 54 22.85 9.46 13.88
N ASN A 55 23.68 8.82 13.09
CA ASN A 55 23.66 9.00 11.65
CA ASN A 55 23.72 9.00 11.61
C ASN A 55 23.08 7.81 10.95
N TYR A 56 22.07 8.01 10.14
CA TYR A 56 21.35 6.92 9.52
C TYR A 56 22.24 6.04 8.70
N GLU A 57 23.13 6.56 7.88
CA GLU A 57 23.93 5.74 7.04
C GLU A 57 24.91 4.89 7.87
N GLU A 58 25.40 5.44 8.96
CA GLU A 58 26.29 4.66 9.87
C GLU A 58 25.53 3.57 10.60
N ALA A 59 24.29 3.82 10.97
CA ALA A 59 23.45 2.78 11.51
C ALA A 59 23.24 1.67 10.55
N ALA A 60 22.95 2.03 9.28
CA ALA A 60 22.78 1.04 8.28
C ALA A 60 24.00 0.16 8.05
N MET A 61 25.18 0.83 8.03
CA MET A 61 26.41 0.08 7.87
C MET A 61 26.64 -0.89 9.05
N ALA A 62 26.35 -0.42 10.25
CA ALA A 62 26.47 -1.30 11.41
C ALA A 62 25.55 -2.47 11.33
N ILE A 63 24.28 -2.21 10.92
CA ILE A 63 23.31 -3.33 10.78
C ILE A 63 23.67 -4.34 9.67
N ALA A 64 24.13 -3.82 8.50
CA ALA A 64 24.50 -4.68 7.43
C ALA A 64 25.77 -5.46 7.73
N SER A 65 26.60 -4.91 8.59
CA SER A 65 27.88 -5.54 8.94
C SER A 65 27.76 -6.52 10.07
N LEU A 66 26.97 -6.20 11.06
CA LEU A 66 26.86 -6.97 12.28
C LEU A 66 25.80 -7.99 12.31
N ASN A 67 24.72 -7.87 11.47
CA ASN A 67 23.70 -8.91 11.36
C ASN A 67 24.37 -10.20 10.94
N GLY A 68 24.13 -11.29 11.70
CA GLY A 68 24.85 -12.56 11.41
C GLY A 68 26.17 -12.66 12.09
N TYR A 69 26.62 -11.70 12.84
CA TYR A 69 27.93 -11.75 13.56
C TYR A 69 27.97 -12.82 14.55
N ARG A 70 29.11 -13.55 14.61
CA ARG A 70 29.28 -14.49 15.65
C ARG A 70 29.93 -13.82 16.85
N LEU A 71 29.17 -13.74 17.93
CA LEU A 71 29.68 -13.24 19.22
C LEU A 71 29.81 -14.41 20.08
N GLY A 72 31.04 -14.92 20.13
CA GLY A 72 31.34 -16.13 20.81
C GLY A 72 30.63 -17.31 20.21
N ASP A 73 29.77 -17.88 20.99
CA ASP A 73 28.98 -19.06 20.63
C ASP A 73 27.63 -18.75 19.94
N LYS A 74 27.29 -17.46 19.77
CA LYS A 74 25.96 -17.02 19.30
C LYS A 74 26.04 -16.25 17.98
N ILE A 75 25.11 -16.54 17.07
CA ILE A 75 24.96 -15.73 15.85
C ILE A 75 23.92 -14.64 16.12
N LEU A 76 24.36 -13.39 16.04
CA LEU A 76 23.45 -12.27 16.36
C LEU A 76 22.49 -11.98 15.22
N GLN A 77 21.33 -11.43 15.56
CA GLN A 77 20.44 -10.74 14.61
C GLN A 77 20.46 -9.27 14.95
N VAL A 78 20.69 -8.39 13.98
CA VAL A 78 20.80 -6.94 14.21
C VAL A 78 19.91 -6.32 13.14
N SER A 79 19.07 -5.39 13.52
CA SER A 79 18.12 -4.79 12.57
CA SER A 79 17.98 -4.91 12.63
C SER A 79 17.58 -3.51 13.02
N PHE A 80 17.04 -2.75 12.07
CA PHE A 80 16.18 -1.63 12.43
C PHE A 80 14.78 -2.30 12.84
N LYS A 81 13.89 -1.54 13.35
CA LYS A 81 12.65 -2.10 13.88
C LYS A 81 11.78 -2.70 12.81
N THR A 82 11.53 -1.94 11.76
CA THR A 82 10.67 -2.42 10.67
C THR A 82 11.42 -2.21 9.35
N ASN A 83 11.02 -2.87 8.30
CA ASN A 83 11.59 -2.75 6.93
C ASN A 83 11.01 -1.69 6.13
N LYS A 84 11.70 -1.35 5.03
CA LYS A 84 11.33 -0.25 4.13
C LYS A 84 11.82 -0.64 2.73
N SER A 85 11.07 -0.28 1.68
CA SER A 85 11.45 -0.51 0.25
C SER A 85 12.30 0.66 -0.30
N HIS A 86 12.57 1.72 0.46
CA HIS A 86 13.46 2.78 -0.03
C HIS A 86 14.06 3.55 1.15
N GLY B 1 -33.81 -0.80 -13.85
CA GLY B 1 -34.19 -1.16 -15.24
C GLY B 1 -33.23 -2.13 -15.83
N ALA B 2 -33.51 -2.52 -17.05
CA ALA B 2 -32.80 -3.59 -17.71
C ALA B 2 -31.33 -3.29 -17.96
N MET B 3 -30.44 -4.27 -17.70
CA MET B 3 -29.01 -4.04 -17.98
C MET B 3 -28.80 -4.22 -19.46
N GLY B 4 -27.72 -3.60 -19.86
CA GLY B 4 -27.47 -3.44 -21.21
C GLY B 4 -26.13 -3.89 -21.66
N TRP B 5 -25.81 -3.34 -22.81
CA TRP B 5 -24.67 -3.67 -23.73
C TRP B 5 -23.61 -2.68 -23.45
N CYS B 6 -22.43 -3.10 -23.03
CA CYS B 6 -21.34 -2.26 -22.73
CA CYS B 6 -21.34 -2.22 -22.74
C CYS B 6 -20.46 -1.98 -23.93
N ILE B 7 -20.20 -0.71 -24.16
CA ILE B 7 -19.47 -0.19 -25.30
C ILE B 7 -18.20 0.41 -24.73
N PHE B 8 -17.07 0.03 -25.31
CA PHE B 8 -15.74 0.60 -24.96
C PHE B 8 -15.35 1.61 -25.97
N ILE B 9 -14.87 2.77 -25.51
CA ILE B 9 -14.37 3.87 -26.32
C ILE B 9 -12.95 4.19 -25.99
N TYR B 10 -12.09 4.11 -26.94
CA TYR B 10 -10.68 4.36 -26.75
C TYR B 10 -10.24 5.50 -27.60
N ASN B 11 -9.21 6.20 -27.07
CA ASN B 11 -8.53 7.35 -27.67
C ASN B 11 -9.20 8.60 -27.39
N LEU B 12 -9.91 8.72 -26.27
CA LEU B 12 -10.41 9.95 -25.77
C LEU B 12 -9.21 10.88 -25.33
N GLY B 13 -9.40 12.18 -25.39
CA GLY B 13 -8.34 13.08 -24.91
C GLY B 13 -8.41 13.21 -23.44
N GLN B 14 -7.40 13.92 -22.92
CA GLN B 14 -7.34 14.05 -21.47
C GLN B 14 -8.41 14.85 -20.82
N ASP B 15 -9.10 15.71 -21.57
CA ASP B 15 -10.14 16.56 -21.03
C ASP B 15 -11.55 16.05 -21.35
N ALA B 16 -11.61 14.88 -21.90
CA ALA B 16 -12.95 14.25 -22.17
C ALA B 16 -13.70 14.08 -20.92
N ASP B 17 -15.03 14.24 -21.03
CA ASP B 17 -15.86 14.00 -19.89
C ASP B 17 -17.17 13.25 -20.31
N GLU B 18 -17.95 13.02 -19.28
CA GLU B 18 -19.17 12.19 -19.48
C GLU B 18 -20.11 12.85 -20.47
N GLY B 19 -20.20 14.19 -20.46
CA GLY B 19 -21.11 14.86 -21.38
C GLY B 19 -20.78 14.67 -22.81
N ILE B 20 -19.50 14.50 -23.11
CA ILE B 20 -19.07 14.20 -24.48
C ILE B 20 -19.66 12.83 -24.96
N LEU B 21 -19.60 11.89 -24.02
CA LEU B 21 -20.11 10.53 -24.31
C LEU B 21 -21.64 10.55 -24.40
N TRP B 22 -22.29 11.21 -23.47
CA TRP B 22 -23.77 11.29 -23.60
C TRP B 22 -24.22 11.89 -24.92
N GLN B 23 -23.54 12.98 -25.34
CA GLN B 23 -23.91 13.63 -26.55
C GLN B 23 -23.68 12.81 -27.84
N MET B 24 -22.59 11.97 -27.80
CA MET B 24 -22.26 11.19 -28.90
C MET B 24 -23.16 9.91 -29.11
N PHE B 25 -23.53 9.30 -27.94
CA PHE B 25 -24.26 8.04 -27.98
C PHE B 25 -25.79 8.20 -27.79
N GLY B 26 -26.18 9.27 -27.08
CA GLY B 26 -27.66 9.56 -26.91
C GLY B 26 -28.42 9.50 -28.13
N PRO B 27 -27.98 10.03 -29.26
CA PRO B 27 -28.78 10.04 -30.48
C PRO B 27 -29.08 8.71 -31.07
N PHE B 28 -28.31 7.67 -30.67
CA PHE B 28 -28.49 6.35 -31.23
C PHE B 28 -29.52 5.50 -30.54
N GLY B 29 -29.93 5.89 -29.34
CA GLY B 29 -30.85 5.03 -28.57
C GLY B 29 -30.69 5.21 -27.12
N ALA B 30 -31.38 4.39 -26.33
CA ALA B 30 -31.33 4.47 -24.90
C ALA B 30 -29.96 4.22 -24.34
N VAL B 31 -29.51 5.13 -23.49
CA VAL B 31 -28.21 5.06 -22.81
C VAL B 31 -28.56 5.10 -21.32
N THR B 32 -28.02 4.19 -20.52
CA THR B 32 -28.30 4.13 -19.13
C THR B 32 -27.16 4.53 -18.31
N ASN B 33 -25.94 4.50 -18.81
CA ASN B 33 -24.71 4.75 -18.00
CA ASN B 33 -24.79 4.96 -18.03
C ASN B 33 -23.63 5.28 -18.92
N VAL B 34 -22.83 6.23 -18.49
CA VAL B 34 -21.60 6.66 -19.17
C VAL B 34 -20.56 6.80 -18.09
N LYS B 35 -19.35 6.44 -18.38
CA LYS B 35 -18.23 6.69 -17.44
CA LYS B 35 -18.21 6.57 -17.44
C LYS B 35 -16.98 6.93 -18.25
N VAL B 36 -16.26 8.00 -17.91
CA VAL B 36 -14.91 8.25 -18.39
C VAL B 36 -13.92 7.79 -17.34
N ILE B 37 -12.91 7.08 -17.72
CA ILE B 37 -11.94 6.55 -16.74
C ILE B 37 -10.83 7.63 -16.61
N ARG B 38 -10.58 7.98 -15.34
CA ARG B 38 -9.59 9.05 -14.99
C ARG B 38 -8.44 8.49 -14.15
N ASP B 39 -7.29 9.10 -14.38
CA ASP B 39 -6.21 8.78 -13.43
C ASP B 39 -6.56 9.32 -12.07
N PHE B 40 -6.29 8.46 -11.10
CA PHE B 40 -6.70 8.72 -9.70
C PHE B 40 -5.98 10.00 -9.12
N ASN B 41 -4.74 10.21 -9.54
CA ASN B 41 -3.91 11.33 -8.98
C ASN B 41 -4.15 12.62 -9.73
N THR B 42 -4.13 12.58 -11.06
CA THR B 42 -4.26 13.80 -11.82
C THR B 42 -5.68 14.12 -12.16
N ASN B 43 -6.57 13.12 -12.13
CA ASN B 43 -7.98 13.29 -12.57
C ASN B 43 -8.21 13.56 -14.04
N LYS B 44 -7.17 13.43 -14.85
CA LYS B 44 -7.34 13.55 -16.28
C LYS B 44 -7.89 12.21 -16.80
N CYS B 45 -8.63 12.28 -17.90
CA CYS B 45 -8.99 11.07 -18.56
C CYS B 45 -7.79 10.27 -18.99
N LYS B 46 -7.80 8.96 -18.78
CA LYS B 46 -6.76 8.06 -19.18
C LYS B 46 -6.79 7.60 -20.64
N GLY B 47 -7.83 8.02 -21.36
CA GLY B 47 -7.88 7.73 -22.76
C GLY B 47 -9.07 6.83 -23.09
N PHE B 48 -9.91 6.45 -22.16
CA PHE B 48 -11.00 5.53 -22.51
C PHE B 48 -12.15 5.71 -21.54
N GLY B 49 -13.31 5.16 -21.99
CA GLY B 49 -14.53 5.19 -21.25
C GLY B 49 -15.49 4.14 -21.76
N PHE B 50 -16.65 4.10 -21.12
CA PHE B 50 -17.61 3.06 -21.31
C PHE B 50 -18.99 3.68 -21.36
N VAL B 51 -19.82 3.16 -22.26
CA VAL B 51 -21.22 3.56 -22.35
C VAL B 51 -22.03 2.31 -22.26
N THR B 52 -23.18 2.32 -21.58
CA THR B 52 -24.07 1.20 -21.59
C THR B 52 -25.37 1.60 -22.35
N MET B 53 -25.70 0.81 -23.38
CA MET B 53 -26.94 0.99 -24.15
C MET B 53 -27.87 -0.14 -23.95
N THR B 54 -29.17 0.07 -23.87
CA THR B 54 -30.08 -1.00 -23.51
C THR B 54 -30.33 -1.90 -24.64
N ASN B 55 -30.40 -1.42 -25.87
CA ASN B 55 -30.89 -2.22 -27.00
CA ASN B 55 -30.86 -2.25 -27.00
C ASN B 55 -29.73 -2.70 -27.87
N TYR B 56 -29.53 -3.99 -28.04
CA TYR B 56 -28.49 -4.56 -28.80
C TYR B 56 -28.34 -3.95 -30.16
N GLU B 57 -29.37 -3.82 -30.93
CA GLU B 57 -29.25 -3.32 -32.30
C GLU B 57 -28.87 -1.84 -32.29
N GLU B 58 -29.33 -1.03 -31.32
CA GLU B 58 -28.93 0.35 -31.24
C GLU B 58 -27.50 0.46 -30.83
N ALA B 59 -26.99 -0.35 -29.93
CA ALA B 59 -25.60 -0.38 -29.55
C ALA B 59 -24.76 -0.69 -30.79
N ALA B 60 -25.17 -1.68 -31.59
CA ALA B 60 -24.43 -2.02 -32.80
C ALA B 60 -24.43 -0.88 -33.78
N MET B 61 -25.53 -0.13 -33.95
CA MET B 61 -25.54 1.02 -34.87
C MET B 61 -24.62 2.10 -34.33
N ALA B 62 -24.60 2.38 -33.04
CA ALA B 62 -23.70 3.36 -32.48
C ALA B 62 -22.25 2.94 -32.75
N ILE B 63 -21.88 1.69 -32.51
CA ILE B 63 -20.54 1.23 -32.74
C ILE B 63 -20.16 1.35 -34.20
N ALA B 64 -21.00 0.89 -35.11
CA ALA B 64 -20.67 0.95 -36.52
C ALA B 64 -20.55 2.37 -37.01
N SER B 65 -21.34 3.28 -36.44
CA SER B 65 -21.36 4.70 -36.86
C SER B 65 -20.26 5.47 -36.30
N LEU B 66 -19.84 5.24 -35.07
CA LEU B 66 -18.86 6.03 -34.36
C LEU B 66 -17.49 5.51 -34.37
N ASN B 67 -17.27 4.23 -34.67
CA ASN B 67 -15.86 3.73 -34.70
C ASN B 67 -15.18 4.51 -35.80
N GLY B 68 -14.07 5.13 -35.46
CA GLY B 68 -13.32 6.01 -36.47
C GLY B 68 -13.76 7.44 -36.37
N TYR B 69 -14.66 7.85 -35.56
CA TYR B 69 -15.06 9.28 -35.33
C TYR B 69 -13.84 10.07 -34.90
N ARG B 70 -13.69 11.33 -35.41
CA ARG B 70 -12.63 12.27 -34.93
C ARG B 70 -13.08 13.19 -33.87
N LEU B 71 -12.55 13.06 -32.64
CA LEU B 71 -12.84 13.88 -31.48
C LEU B 71 -11.58 14.68 -31.25
N GLY B 72 -11.62 15.99 -31.54
CA GLY B 72 -10.39 16.79 -31.60
C GLY B 72 -9.45 16.24 -32.67
N ASP B 73 -8.25 15.85 -32.30
CA ASP B 73 -7.25 15.33 -33.26
C ASP B 73 -7.07 13.85 -33.11
N LYS B 74 -8.00 13.21 -32.38
CA LYS B 74 -7.89 11.80 -32.14
C LYS B 74 -9.01 11.05 -32.85
N ILE B 75 -8.62 10.00 -33.47
CA ILE B 75 -9.54 9.00 -34.04
C ILE B 75 -9.93 8.00 -32.96
N LEU B 76 -11.25 7.94 -32.74
CA LEU B 76 -11.79 7.04 -31.72
C LEU B 76 -11.91 5.62 -32.17
N GLN B 77 -11.71 4.69 -31.24
CA GLN B 77 -12.03 3.29 -31.42
C GLN B 77 -13.23 2.95 -30.59
N VAL B 78 -14.28 2.47 -31.20
CA VAL B 78 -15.55 2.13 -30.50
C VAL B 78 -15.86 0.68 -30.77
N SER B 79 -16.23 -0.09 -29.74
CA SER B 79 -16.42 -1.53 -29.91
C SER B 79 -17.29 -2.02 -28.78
N PHE B 80 -17.82 -3.24 -28.92
CA PHE B 80 -18.38 -3.96 -27.79
C PHE B 80 -17.29 -4.25 -26.79
N LYS B 81 -17.48 -3.98 -25.53
CA LYS B 81 -16.49 -4.29 -24.52
C LYS B 81 -16.14 -5.75 -24.50
N THR B 82 -14.87 -6.03 -24.33
CA THR B 82 -14.46 -7.43 -24.10
C THR B 82 -14.00 -7.60 -22.68
N ASN B 83 -13.81 -8.88 -22.31
CA ASN B 83 -13.26 -9.20 -20.96
C ASN B 83 -11.79 -8.84 -20.78
N GLY C 1 -6.38 9.54 19.72
CA GLY C 1 -7.36 9.55 20.89
C GLY C 1 -8.16 8.26 20.86
N ALA C 2 -9.36 8.29 21.43
CA ALA C 2 -10.09 7.03 21.68
C ALA C 2 -10.48 6.31 20.40
N MET C 3 -10.77 7.01 19.31
CA MET C 3 -11.06 6.32 18.11
C MET C 3 -9.81 5.71 17.41
N GLY C 4 -8.61 5.98 17.82
CA GLY C 4 -7.50 5.67 16.97
C GLY C 4 -7.53 6.42 15.68
N TRP C 5 -6.78 5.94 14.75
CA TRP C 5 -6.62 6.59 13.45
C TRP C 5 -6.94 5.57 12.37
N CYS C 6 -7.78 5.90 11.42
CA CYS C 6 -8.15 4.95 10.39
C CYS C 6 -7.36 5.11 9.14
N ILE C 7 -6.82 4.02 8.64
CA ILE C 7 -5.97 3.96 7.47
C ILE C 7 -6.73 3.23 6.39
N PHE C 8 -6.75 3.83 5.17
CA PHE C 8 -7.40 3.24 3.96
C PHE C 8 -6.27 2.59 3.13
N ILE C 9 -6.53 1.38 2.69
CA ILE C 9 -5.61 0.59 1.84
C ILE C 9 -6.39 0.26 0.55
N TYR C 10 -5.75 0.64 -0.56
CA TYR C 10 -6.27 0.31 -1.91
C TYR C 10 -5.28 -0.59 -2.58
N ASN C 11 -5.87 -1.44 -3.46
CA ASN C 11 -5.16 -2.40 -4.38
C ASN C 11 -4.87 -3.73 -3.74
N LEU C 12 -5.75 -4.12 -2.83
CA LEU C 12 -5.76 -5.46 -2.34
C LEU C 12 -6.26 -6.34 -3.54
N GLY C 13 -5.73 -7.57 -3.51
CA GLY C 13 -6.16 -8.58 -4.50
C GLY C 13 -7.51 -9.13 -4.15
N GLN C 14 -8.14 -9.80 -5.10
CA GLN C 14 -9.39 -10.48 -4.82
C GLN C 14 -9.29 -11.50 -3.72
N ASP C 15 -8.11 -12.02 -3.39
CA ASP C 15 -8.03 -13.04 -2.34
C ASP C 15 -7.48 -12.50 -1.01
N ALA C 16 -7.42 -11.17 -0.90
CA ALA C 16 -7.03 -10.57 0.39
C ALA C 16 -8.03 -10.90 1.47
N ASP C 17 -7.53 -11.06 2.69
CA ASP C 17 -8.42 -11.20 3.83
C ASP C 17 -7.83 -10.42 5.03
N GLU C 18 -8.52 -10.50 6.12
CA GLU C 18 -8.14 -9.70 7.30
C GLU C 18 -6.74 -10.09 7.74
N GLY C 19 -6.33 -11.35 7.61
CA GLY C 19 -5.02 -11.75 8.00
C GLY C 19 -3.93 -11.04 7.33
N ILE C 20 -4.10 -10.69 6.04
CA ILE C 20 -3.10 -10.00 5.36
C ILE C 20 -2.85 -8.53 5.95
N LEU C 21 -3.97 -7.91 6.29
CA LEU C 21 -3.93 -6.60 6.90
C LEU C 21 -3.26 -6.67 8.28
N TRP C 22 -3.70 -7.65 9.13
CA TRP C 22 -3.00 -7.77 10.42
C TRP C 22 -1.49 -7.94 10.26
N GLN C 23 -1.10 -8.82 9.35
CA GLN C 23 0.30 -9.10 9.17
C GLN C 23 1.14 -7.90 8.70
N MET C 24 0.51 -7.08 7.81
CA MET C 24 1.24 -5.93 7.27
CA MET C 24 1.15 -5.96 7.23
C MET C 24 1.33 -4.81 8.26
N PHE C 25 0.26 -4.55 9.03
CA PHE C 25 0.23 -3.39 9.93
C PHE C 25 0.71 -3.66 11.33
N GLY C 26 0.47 -4.88 11.81
CA GLY C 26 0.86 -5.27 13.19
C GLY C 26 2.26 -4.88 13.59
N PRO C 27 3.24 -5.03 12.64
CA PRO C 27 4.60 -4.71 13.03
C PRO C 27 4.91 -3.31 13.40
N PHE C 28 3.99 -2.40 13.00
CA PHE C 28 4.24 -0.97 13.24
C PHE C 28 3.72 -0.44 14.52
N GLY C 29 2.87 -1.20 15.24
CA GLY C 29 2.26 -0.72 16.43
C GLY C 29 0.93 -1.30 16.73
N ALA C 30 0.26 -0.76 17.73
CA ALA C 30 -1.04 -1.28 18.16
C ALA C 30 -2.05 -1.12 17.04
N VAL C 31 -2.73 -2.21 16.70
CA VAL C 31 -3.79 -2.28 15.70
C VAL C 31 -5.05 -2.75 16.47
N THR C 32 -6.14 -2.03 16.38
CA THR C 32 -7.37 -2.41 17.09
C THR C 32 -8.38 -2.96 16.19
N ASN C 33 -8.37 -2.79 14.87
CA ASN C 33 -9.41 -3.30 13.99
C ASN C 33 -8.85 -3.38 12.59
N VAL C 34 -9.28 -4.37 11.83
CA VAL C 34 -9.03 -4.49 10.45
C VAL C 34 -10.27 -4.95 9.72
N LYS C 35 -10.43 -4.47 8.51
CA LYS C 35 -11.62 -4.86 7.65
C LYS C 35 -11.24 -4.87 6.22
N VAL C 36 -11.53 -5.94 5.50
CA VAL C 36 -11.50 -6.01 4.03
C VAL C 36 -12.95 -5.85 3.50
N ILE C 37 -13.08 -4.94 2.58
CA ILE C 37 -14.42 -4.65 2.04
C ILE C 37 -14.70 -5.59 0.92
N ARG C 38 -15.92 -6.16 1.08
CA ARG C 38 -16.50 -7.12 0.15
C ARG C 38 -17.93 -6.58 -0.33
N ASP C 39 -18.17 -6.78 -1.58
CA ASP C 39 -19.48 -6.41 -2.19
C ASP C 39 -20.68 -6.97 -1.47
N PHE C 40 -21.71 -6.14 -1.26
CA PHE C 40 -22.88 -6.58 -0.46
C PHE C 40 -23.49 -7.89 -1.05
N ASN C 41 -23.58 -7.93 -2.37
CA ASN C 41 -24.31 -9.00 -3.06
C ASN C 41 -23.40 -10.26 -3.18
N THR C 42 -22.15 -10.06 -3.60
CA THR C 42 -21.31 -11.23 -4.01
C THR C 42 -20.26 -11.69 -2.98
N ASN C 43 -20.02 -10.87 -1.94
CA ASN C 43 -18.99 -11.15 -0.92
C ASN C 43 -17.55 -11.37 -1.48
N LYS C 44 -17.28 -10.70 -2.60
CA LYS C 44 -15.95 -10.64 -3.17
C LYS C 44 -15.33 -9.30 -2.69
N CYS C 45 -14.01 -9.38 -2.53
CA CYS C 45 -13.13 -8.18 -2.07
C CYS C 45 -13.22 -7.14 -3.14
N LYS C 46 -13.64 -5.98 -2.77
CA LYS C 46 -13.66 -4.81 -3.62
C LYS C 46 -12.25 -4.27 -4.02
N GLY C 47 -11.14 -4.75 -3.39
CA GLY C 47 -9.81 -4.22 -3.66
C GLY C 47 -9.33 -3.20 -2.60
N PHE C 48 -10.10 -3.04 -1.53
CA PHE C 48 -9.66 -2.06 -0.48
C PHE C 48 -10.15 -2.51 0.81
N GLY C 49 -9.55 -1.91 1.87
CA GLY C 49 -9.89 -2.20 3.24
C GLY C 49 -9.37 -1.08 4.14
N PHE C 50 -9.58 -1.31 5.43
CA PHE C 50 -9.36 -0.31 6.54
C PHE C 50 -8.65 -0.96 7.68
N VAL C 51 -7.73 -0.21 8.30
CA VAL C 51 -7.14 -0.61 9.54
C VAL C 51 -7.17 0.51 10.51
N THR C 52 -7.42 0.25 11.77
CA THR C 52 -7.36 1.28 12.80
C THR C 52 -6.16 1.05 13.68
N MET C 53 -5.31 2.06 13.80
CA MET C 53 -4.14 2.07 14.66
C MET C 53 -4.29 3.07 15.76
N THR C 54 -3.83 2.77 16.97
CA THR C 54 -4.10 3.66 18.09
C THR C 54 -3.24 4.90 18.07
N ASN C 55 -1.99 4.79 17.66
CA ASN C 55 -1.02 5.89 17.83
C ASN C 55 -0.66 6.52 16.51
N TYR C 56 -0.80 7.84 16.44
CA TYR C 56 -0.51 8.53 15.20
C TYR C 56 0.85 8.26 14.57
N GLU C 57 1.90 8.33 15.38
CA GLU C 57 3.21 8.18 14.79
C GLU C 57 3.45 6.77 14.28
N GLU C 58 2.83 5.78 14.91
CA GLU C 58 2.90 4.40 14.44
C GLU C 58 2.11 4.20 13.14
N ALA C 59 0.92 4.75 13.06
CA ALA C 59 0.18 4.83 11.81
C ALA C 59 1.00 5.50 10.72
N ALA C 60 1.56 6.63 11.01
CA ALA C 60 2.35 7.39 10.01
C ALA C 60 3.45 6.54 9.49
N MET C 61 4.15 5.81 10.37
CA MET C 61 5.23 4.93 9.95
C MET C 61 4.77 3.82 9.11
N ALA C 62 3.63 3.18 9.42
CA ALA C 62 3.03 2.19 8.61
C ALA C 62 2.72 2.68 7.18
N ILE C 63 2.11 3.84 7.10
CA ILE C 63 1.79 4.41 5.78
C ILE C 63 3.10 4.72 5.02
N ALA C 64 4.12 5.26 5.70
CA ALA C 64 5.39 5.55 4.99
C ALA C 64 5.99 4.33 4.46
N SER C 65 5.88 3.19 5.09
CA SER C 65 6.46 1.93 4.72
C SER C 65 5.66 1.22 3.74
N LEU C 66 4.33 1.25 3.77
CA LEU C 66 3.43 0.44 2.98
C LEU C 66 2.87 1.15 1.79
N ASN C 67 2.80 2.44 1.79
CA ASN C 67 2.37 3.17 0.59
C ASN C 67 3.40 2.91 -0.56
N GLY C 68 2.94 2.28 -1.63
CA GLY C 68 3.85 1.88 -2.71
C GLY C 68 4.38 0.49 -2.58
N TYR C 69 4.05 -0.27 -1.55
CA TYR C 69 4.37 -1.72 -1.44
C TYR C 69 3.71 -2.54 -2.48
N ARG C 70 4.51 -3.44 -3.08
CA ARG C 70 3.99 -4.44 -4.01
C ARG C 70 3.44 -5.67 -3.27
N LEU C 71 2.11 -5.87 -3.25
CA LEU C 71 1.49 -7.01 -2.62
C LEU C 71 1.03 -7.78 -3.82
N GLY C 72 1.71 -8.89 -4.14
CA GLY C 72 1.45 -9.58 -5.41
C GLY C 72 1.82 -8.71 -6.58
N ASP C 73 0.91 -8.60 -7.57
CA ASP C 73 1.12 -7.82 -8.80
C ASP C 73 0.77 -6.31 -8.71
N LYS C 74 0.22 -5.88 -7.57
CA LYS C 74 -0.37 -4.55 -7.49
C LYS C 74 0.39 -3.70 -6.48
N ILE C 75 0.51 -2.43 -6.83
CA ILE C 75 1.13 -1.45 -5.99
C ILE C 75 0.03 -0.86 -5.04
N LEU C 76 0.29 -1.01 -3.72
CA LEU C 76 -0.67 -0.53 -2.73
C LEU C 76 -0.61 0.97 -2.62
N GLN C 77 -1.80 1.52 -2.34
CA GLN C 77 -1.95 2.89 -1.91
C GLN C 77 -2.45 2.89 -0.43
N VAL C 78 -1.69 3.56 0.41
CA VAL C 78 -2.02 3.54 1.89
C VAL C 78 -1.99 4.97 2.31
N SER C 79 -3.05 5.41 3.03
CA SER C 79 -3.19 6.78 3.47
C SER C 79 -4.17 6.83 4.62
N PHE C 80 -4.21 7.94 5.35
CA PHE C 80 -5.29 8.11 6.39
C PHE C 80 -6.60 8.23 5.67
N LYS C 81 -7.62 7.57 6.16
CA LYS C 81 -8.95 7.58 5.55
C LYS C 81 -9.50 9.01 5.51
N THR C 82 -10.11 9.32 4.35
CA THR C 82 -10.83 10.61 4.12
C THR C 82 -12.29 10.34 4.15
N ASN C 83 -13.10 11.43 4.21
CA ASN C 83 -14.56 11.26 4.15
C ASN C 83 -14.93 11.53 2.73
N LYS C 84 -15.84 10.76 2.14
CA LYS C 84 -16.68 9.61 2.64
C LYS C 84 -16.25 8.58 3.67
NA NA E . 18.46 -10.59 39.70
#